data_5BYA
#
_entry.id   5BYA
#
_cell.length_a   88.567
_cell.length_b   110.400
_cell.length_c   41.455
_cell.angle_alpha   90.000
_cell.angle_beta   90.000
_cell.angle_gamma   90.000
#
_symmetry.space_group_name_H-M   'P 21 21 21'
#
loop_
_entity.id
_entity.type
_entity.pdbx_description
1 polymer 'Inositol hexakisphosphate and diphosphoinositol-pentakisphosphate kinase 2'
2 non-polymer "ADENOSINE-5'-DIPHOSPHATE"
3 non-polymer '{[(1R,3S,4S,5R,6S)-2,4,5,6-tetrakis(phosphonooxy)cyclohexane-1,3-diyl]bis[oxy(hydroxyphosphoryl)methanediyl]}bis(phosphonic acid)'
4 non-polymer 'MAGNESIUM ION'
5 non-polymer 1,2-ETHANEDIOL
6 non-polymer 'ACETATE ION'
7 water water
#
_entity_poly.entity_id   1
_entity_poly.type   'polypeptide(L)'
_entity_poly.pdbx_seq_one_letter_code
;GSFTERQIVVGICSMAKKSKSKPMKEILERISLFKYITVVVFEEEVILNEPVENWPLCDCLISFHSKGFPLDKAVAYAKL
RNPFVINDLNMQYLIQDRREVYSILQAEGILLPRYAILNRDPNNPKECNLIEGEDHVEVNGEVFQKPFVEKPVSAEDHNV
YIYYPTSAGGGSQRLFRKIGSRSSVYSPESNVRKTGSYIYEEFMPTDGTDVKVYTVGPDYAHAEARKSPALDGKVERDSE
GKEVRYPVILNAREKLIAWKVCLAFKQTVCGFDLLRANGQSYVCDVNGFSFVKNSMKYYDDCAKILGNIVMRELAPQFHI
PWSIPLEAED
;
_entity_poly.pdbx_strand_id   A
#
loop_
_chem_comp.id
_chem_comp.type
_chem_comp.name
_chem_comp.formula
4WZ non-polymer '{[(1R,3S,4S,5R,6S)-2,4,5,6-tetrakis(phosphonooxy)cyclohexane-1,3-diyl]bis[oxy(hydroxyphosphoryl)methanediyl]}bis(phosphonic acid)' 'C8 H24 O28 P8'
ACT non-polymer 'ACETATE ION' 'C2 H3 O2 -1'
ADP non-polymer ADENOSINE-5'-DIPHOSPHATE 'C10 H15 N5 O10 P2'
EDO non-polymer 1,2-ETHANEDIOL 'C2 H6 O2'
MG non-polymer 'MAGNESIUM ION' 'Mg 2'
#
# COMPACT_ATOMS: atom_id res chain seq x y z
N ARG A 6 -10.74 19.56 -28.55
CA ARG A 6 -9.63 19.43 -27.56
C ARG A 6 -9.63 18.06 -26.88
N GLN A 7 -8.48 17.40 -26.90
CA GLN A 7 -8.25 16.13 -26.21
C GLN A 7 -8.25 16.34 -24.69
N ILE A 8 -8.77 15.36 -23.97
CA ILE A 8 -8.63 15.33 -22.52
C ILE A 8 -7.24 14.79 -22.19
N VAL A 9 -6.49 15.55 -21.40
CA VAL A 9 -5.12 15.17 -21.07
C VAL A 9 -5.04 14.47 -19.71
N VAL A 10 -4.53 13.24 -19.71
CA VAL A 10 -4.26 12.54 -18.46
C VAL A 10 -2.77 12.65 -18.19
N GLY A 11 -2.41 13.33 -17.11
CA GLY A 11 -1.01 13.47 -16.71
C GLY A 11 -0.63 12.40 -15.68
N ILE A 12 0.53 11.80 -15.89
CA ILE A 12 1.08 10.80 -14.96
C ILE A 12 2.27 11.45 -14.29
N CYS A 13 2.23 11.53 -12.96
CA CYS A 13 3.27 12.21 -12.21
C CYS A 13 3.78 11.32 -11.09
N SER A 14 4.91 10.66 -11.32
CA SER A 14 5.55 9.80 -10.32
C SER A 14 7.02 9.63 -10.70
N MET A 15 7.79 9.00 -9.81
CA MET A 15 9.19 8.72 -10.09
C MET A 15 9.33 7.79 -11.30
N ALA A 16 10.43 7.94 -12.04
CA ALA A 16 10.65 7.15 -13.27
C ALA A 16 10.55 5.63 -13.07
N LYS A 17 11.01 5.15 -11.92
CA LYS A 17 10.95 3.72 -11.59
C LYS A 17 9.51 3.19 -11.65
N LYS A 18 8.57 4.07 -11.32
CA LYS A 18 7.15 3.74 -11.37
C LYS A 18 6.54 4.04 -12.75
N SER A 19 6.82 5.24 -13.27
N SER A 19 6.81 5.24 -13.28
CA SER A 19 6.28 5.71 -14.56
CA SER A 19 6.21 5.66 -14.55
C SER A 19 6.72 4.87 -15.74
C SER A 19 6.73 4.89 -15.77
N LYS A 20 7.91 4.28 -15.64
CA LYS A 20 8.47 3.44 -16.71
C LYS A 20 8.41 1.95 -16.40
N SER A 21 7.72 1.57 -15.32
CA SER A 21 7.55 0.16 -14.98
C SER A 21 6.72 -0.54 -16.06
N LYS A 22 6.91 -1.84 -16.21
CA LYS A 22 6.17 -2.59 -17.21
C LYS A 22 4.64 -2.46 -17.03
N PRO A 23 4.13 -2.65 -15.80
CA PRO A 23 2.68 -2.47 -15.62
C PRO A 23 2.19 -1.09 -16.02
N MET A 24 2.90 -0.04 -15.61
CA MET A 24 2.53 1.32 -16.02
C MET A 24 2.51 1.47 -17.55
N LYS A 25 3.57 1.00 -18.22
CA LYS A 25 3.62 1.12 -19.68
C LYS A 25 2.48 0.36 -20.37
N GLU A 26 2.21 -0.85 -19.88
CA GLU A 26 1.11 -1.66 -20.43
C GLU A 26 -0.24 -0.95 -20.27
N ILE A 27 -0.46 -0.34 -19.11
CA ILE A 27 -1.73 0.34 -18.84
C ILE A 27 -1.87 1.68 -19.60
N LEU A 28 -0.80 2.45 -19.66
CA LEU A 28 -0.86 3.75 -20.35
C LEU A 28 -1.10 3.59 -21.86
N GLU A 29 -0.48 2.55 -22.43
CA GLU A 29 -0.70 2.20 -23.82
C GLU A 29 -2.18 1.91 -24.08
N ARG A 30 -2.82 1.22 -23.14
CA ARG A 30 -4.24 0.91 -23.23
C ARG A 30 -5.16 2.13 -22.99
N ILE A 31 -4.81 2.97 -22.01
CA ILE A 31 -5.56 4.23 -21.80
C ILE A 31 -5.51 5.12 -23.05
N SER A 32 -4.35 5.16 -23.70
CA SER A 32 -4.17 5.92 -24.93
C SER A 32 -5.09 5.47 -26.08
N LEU A 33 -5.61 4.25 -26.00
CA LEU A 33 -6.57 3.78 -27.01
C LEU A 33 -7.91 4.52 -26.96
N PHE A 34 -8.18 5.20 -25.85
CA PHE A 34 -9.37 6.04 -25.76
C PHE A 34 -9.23 7.20 -26.73
N LYS A 35 -10.22 7.31 -27.61
CA LYS A 35 -10.23 8.27 -28.72
C LYS A 35 -9.96 9.72 -28.28
N TYR A 36 -10.57 10.12 -27.17
CA TYR A 36 -10.49 11.51 -26.71
C TYR A 36 -9.48 11.75 -25.58
N ILE A 37 -8.66 10.75 -25.30
CA ILE A 37 -7.68 10.85 -24.20
C ILE A 37 -6.26 10.84 -24.74
N THR A 38 -5.47 11.83 -24.30
CA THR A 38 -4.02 11.87 -24.54
C THR A 38 -3.29 11.73 -23.20
N VAL A 39 -2.33 10.82 -23.14
CA VAL A 39 -1.54 10.59 -21.93
C VAL A 39 -0.24 11.38 -22.02
N VAL A 40 0.07 12.10 -20.95
CA VAL A 40 1.35 12.80 -20.84
C VAL A 40 2.06 12.30 -19.56
N VAL A 41 3.26 11.74 -19.73
CA VAL A 41 4.05 11.24 -18.59
C VAL A 41 5.11 12.27 -18.23
N PHE A 42 5.02 12.83 -17.02
CA PHE A 42 5.94 13.88 -16.57
C PHE A 42 7.32 13.28 -16.38
N GLU A 43 8.35 13.90 -16.98
CA GLU A 43 9.72 13.39 -16.84
C GLU A 43 10.18 13.58 -15.39
N GLU A 44 10.95 12.62 -14.87
CA GLU A 44 11.44 12.71 -13.49
C GLU A 44 12.30 13.97 -13.27
N GLU A 45 13.12 14.33 -14.25
CA GLU A 45 13.98 15.51 -14.13
C GLU A 45 13.14 16.79 -13.95
N VAL A 46 12.01 16.85 -14.67
CA VAL A 46 11.05 17.94 -14.55
C VAL A 46 10.40 17.92 -13.16
N ILE A 47 9.97 16.75 -12.71
CA ILE A 47 9.35 16.60 -11.38
C ILE A 47 10.29 17.08 -10.27
N LEU A 48 11.55 16.66 -10.33
CA LEU A 48 12.52 16.98 -9.27
C LEU A 48 13.07 18.41 -9.35
N ASN A 49 13.41 18.85 -10.56
CA ASN A 49 14.19 20.06 -10.78
C ASN A 49 13.43 21.29 -11.28
N GLU A 50 12.26 21.11 -11.88
CA GLU A 50 11.48 22.25 -12.37
C GLU A 50 10.43 22.69 -11.36
N PRO A 51 10.21 24.01 -11.23
CA PRO A 51 9.10 24.46 -10.39
C PRO A 51 7.78 24.00 -11.00
N VAL A 52 6.74 23.85 -10.18
CA VAL A 52 5.47 23.28 -10.65
C VAL A 52 4.81 24.12 -11.76
N GLU A 53 5.12 25.42 -11.79
CA GLU A 53 4.61 26.34 -12.82
CA GLU A 53 4.60 26.33 -12.81
C GLU A 53 5.05 25.93 -14.23
N ASN A 54 6.12 25.13 -14.32
CA ASN A 54 6.65 24.65 -15.60
C ASN A 54 6.24 23.23 -15.97
N TRP A 55 5.55 22.54 -15.06
CA TRP A 55 5.11 21.17 -15.30
C TRP A 55 4.05 21.15 -16.39
N PRO A 56 3.95 20.04 -17.16
CA PRO A 56 2.92 19.99 -18.20
C PRO A 56 1.51 20.16 -17.64
N LEU A 57 0.62 20.73 -18.43
CA LEU A 57 -0.79 20.78 -18.06
C LEU A 57 -1.46 19.40 -18.19
N CYS A 58 -2.46 19.14 -17.35
CA CYS A 58 -3.34 18.00 -17.57
C CYS A 58 -4.73 18.32 -17.02
N ASP A 59 -5.72 17.56 -17.46
CA ASP A 59 -7.10 17.73 -16.99
C ASP A 59 -7.42 16.73 -15.89
N CYS A 60 -6.76 15.57 -15.97
CA CYS A 60 -6.84 14.54 -14.95
C CYS A 60 -5.42 14.18 -14.55
N LEU A 61 -5.16 14.18 -13.25
CA LEU A 61 -3.84 13.85 -12.72
C LEU A 61 -3.82 12.52 -11.98
N ILE A 62 -2.92 11.64 -12.42
CA ILE A 62 -2.64 10.38 -11.72
C ILE A 62 -1.22 10.57 -11.17
N SER A 63 -1.13 10.73 -9.87
CA SER A 63 0.14 11.03 -9.23
C SER A 63 0.21 10.32 -7.90
N PHE A 64 1.39 9.81 -7.56
CA PHE A 64 1.55 9.05 -6.33
C PHE A 64 2.98 9.05 -5.84
N HIS A 65 3.10 9.01 -4.52
CA HIS A 65 4.36 9.04 -3.83
C HIS A 65 5.00 7.66 -3.80
N SER A 66 6.32 7.64 -3.98
CA SER A 66 7.19 6.51 -3.68
C SER A 66 8.50 7.16 -3.25
N LYS A 67 9.50 6.35 -2.87
CA LYS A 67 10.77 6.89 -2.38
C LYS A 67 11.35 8.00 -3.28
N GLY A 68 11.60 9.16 -2.68
CA GLY A 68 12.25 10.27 -3.38
C GLY A 68 11.30 11.21 -4.10
N PHE A 69 10.01 10.89 -4.09
CA PHE A 69 8.99 11.73 -4.73
C PHE A 69 8.68 12.98 -3.92
N PRO A 70 8.72 14.15 -4.57
CA PRO A 70 8.39 15.40 -3.88
C PRO A 70 6.89 15.65 -3.81
N LEU A 71 6.24 14.98 -2.85
CA LEU A 71 4.80 15.09 -2.67
C LEU A 71 4.35 16.53 -2.48
N ASP A 72 5.17 17.34 -1.80
CA ASP A 72 4.89 18.77 -1.62
C ASP A 72 4.65 19.47 -2.97
N LYS A 73 5.49 19.13 -3.95
CA LYS A 73 5.38 19.72 -5.28
C LYS A 73 4.12 19.24 -6.02
N ALA A 74 3.81 17.95 -5.90
CA ALA A 74 2.60 17.39 -6.51
C ALA A 74 1.35 18.09 -5.97
N VAL A 75 1.30 18.29 -4.65
CA VAL A 75 0.20 19.00 -4.00
C VAL A 75 0.09 20.43 -4.52
N ALA A 76 1.23 21.13 -4.61
CA ALA A 76 1.26 22.51 -5.12
C ALA A 76 0.79 22.56 -6.58
N TYR A 77 1.26 21.61 -7.38
CA TYR A 77 0.82 21.50 -8.77
C TYR A 77 -0.70 21.37 -8.86
N ALA A 78 -1.27 20.45 -8.09
CA ALA A 78 -2.72 20.19 -8.10
C ALA A 78 -3.51 21.41 -7.64
N LYS A 79 -2.98 22.15 -6.67
CA LYS A 79 -3.60 23.38 -6.20
C LYS A 79 -3.56 24.46 -7.29
N LEU A 80 -2.41 24.58 -7.96
CA LEU A 80 -2.24 25.52 -9.07
C LEU A 80 -3.16 25.22 -10.26
N ARG A 81 -3.25 23.96 -10.66
CA ARG A 81 -3.93 23.63 -11.91
C ARG A 81 -5.35 23.11 -11.74
N ASN A 82 -5.70 22.71 -10.52
CA ASN A 82 -7.00 22.10 -10.20
C ASN A 82 -7.48 20.99 -11.16
N PRO A 83 -6.63 19.98 -11.44
CA PRO A 83 -7.12 18.88 -12.27
C PRO A 83 -8.03 17.94 -11.49
N PHE A 84 -8.72 17.06 -12.20
CA PHE A 84 -9.43 15.95 -11.58
C PHE A 84 -8.38 14.94 -11.09
N VAL A 85 -8.31 14.76 -9.77
CA VAL A 85 -7.27 13.91 -9.15
C VAL A 85 -7.80 12.49 -8.86
N ILE A 86 -7.14 11.49 -9.44
CA ILE A 86 -7.55 10.07 -9.33
C ILE A 86 -7.23 9.51 -7.94
N ASN A 87 -5.99 9.74 -7.51
CA ASN A 87 -5.51 9.35 -6.19
C ASN A 87 -5.19 10.60 -5.37
N ASP A 88 -5.98 10.87 -4.34
CA ASP A 88 -5.83 12.07 -3.52
C ASP A 88 -4.39 12.21 -2.99
N LEU A 89 -3.81 13.40 -3.14
CA LEU A 89 -2.40 13.58 -2.79
C LEU A 89 -2.16 13.80 -1.31
N ASN A 90 -2.99 14.59 -0.64
CA ASN A 90 -2.80 14.83 0.80
C ASN A 90 -2.90 13.55 1.66
N MET A 91 -3.77 12.64 1.27
CA MET A 91 -3.91 11.33 1.95
C MET A 91 -2.61 10.52 1.87
N GLN A 92 -1.80 10.81 0.86
CA GLN A 92 -0.52 10.13 0.70
C GLN A 92 0.55 10.47 1.75
N TYR A 93 0.39 11.61 2.43
CA TYR A 93 1.20 11.87 3.62
C TYR A 93 0.87 10.87 4.72
N LEU A 94 -0.43 10.66 4.93
CA LEU A 94 -0.92 9.78 6.00
C LEU A 94 -0.59 8.32 5.72
N ILE A 95 -0.64 7.93 4.44
CA ILE A 95 -0.33 6.54 4.04
C ILE A 95 1.12 6.18 4.40
N GLN A 96 1.99 7.18 4.51
CA GLN A 96 3.40 6.95 4.86
C GLN A 96 3.61 6.61 6.34
N ASP A 97 2.56 6.74 7.14
CA ASP A 97 2.61 6.55 8.59
C ASP A 97 1.60 5.47 9.00
N ARG A 98 2.10 4.32 9.45
CA ARG A 98 1.24 3.18 9.83
C ARG A 98 0.22 3.54 10.92
N ARG A 99 0.59 4.46 11.80
CA ARG A 99 -0.36 4.91 12.83
C ARG A 99 -1.57 5.59 12.20
N GLU A 100 -1.33 6.43 11.20
CA GLU A 100 -2.41 7.14 10.51
C GLU A 100 -3.26 6.18 9.69
N VAL A 101 -2.62 5.19 9.07
CA VAL A 101 -3.33 4.15 8.31
C VAL A 101 -4.31 3.39 9.22
N TYR A 102 -3.82 2.91 10.36
CA TYR A 102 -4.65 2.13 11.29
C TYR A 102 -5.80 2.94 11.87
N SER A 103 -5.53 4.22 12.13
CA SER A 103 -6.56 5.16 12.61
C SER A 103 -7.72 5.28 11.62
N ILE A 104 -7.40 5.40 10.33
CA ILE A 104 -8.42 5.47 9.29
C ILE A 104 -9.22 4.17 9.20
N LEU A 105 -8.52 3.04 9.19
CA LEU A 105 -9.17 1.73 9.16
C LEU A 105 -10.17 1.59 10.31
N GLN A 106 -9.76 1.91 11.53
CA GLN A 106 -10.66 1.81 12.70
C GLN A 106 -11.89 2.69 12.53
N ALA A 107 -11.64 3.95 12.14
CA ALA A 107 -12.70 4.94 11.95
C ALA A 107 -13.73 4.49 10.92
N GLU A 108 -13.35 3.57 10.04
CA GLU A 108 -14.22 3.10 8.98
C GLU A 108 -14.84 1.74 9.26
N GLY A 109 -14.68 1.25 10.50
CA GLY A 109 -15.26 -0.03 10.89
C GLY A 109 -14.67 -1.22 10.14
N ILE A 110 -13.39 -1.11 9.76
CA ILE A 110 -12.70 -2.18 9.02
C ILE A 110 -11.91 -3.01 10.02
N LEU A 111 -12.14 -4.33 10.02
CA LEU A 111 -11.45 -5.24 10.92
C LEU A 111 -9.94 -5.17 10.68
N LEU A 112 -9.18 -5.03 11.77
CA LEU A 112 -7.73 -5.02 11.71
C LEU A 112 -7.20 -5.69 12.98
N PRO A 113 -5.91 -6.08 12.99
CA PRO A 113 -5.40 -6.70 14.22
C PRO A 113 -5.53 -5.78 15.43
N ARG A 114 -5.81 -6.34 16.60
CA ARG A 114 -5.74 -5.55 17.85
C ARG A 114 -4.32 -4.98 17.96
N TYR A 115 -4.21 -3.70 18.27
CA TYR A 115 -2.89 -3.05 18.23
C TYR A 115 -2.70 -1.95 19.26
N ALA A 116 -1.44 -1.66 19.56
CA ALA A 116 -1.09 -0.52 20.40
C ALA A 116 0.17 0.16 19.84
N ILE A 117 0.22 1.48 19.96
CA ILE A 117 1.33 2.27 19.47
C ILE A 117 2.33 2.59 20.58
N LEU A 118 3.59 2.25 20.35
CA LEU A 118 4.68 2.71 21.23
C LEU A 118 5.50 3.83 20.57
N ASN A 119 5.22 5.07 20.99
CA ASN A 119 5.99 6.22 20.53
C ASN A 119 7.15 6.52 21.45
N ARG A 120 8.35 6.60 20.88
CA ARG A 120 9.51 7.04 21.64
C ARG A 120 9.88 8.46 21.24
N ASP A 121 9.77 9.38 22.20
CA ASP A 121 10.27 10.74 22.04
C ASP A 121 11.78 10.66 21.87
N PRO A 122 12.29 11.03 20.67
CA PRO A 122 13.71 10.84 20.32
C PRO A 122 14.69 11.26 21.40
N ASN A 123 14.31 12.28 22.17
CA ASN A 123 15.13 12.81 23.27
C ASN A 123 15.24 11.86 24.45
N ASN A 124 14.21 11.03 24.64
CA ASN A 124 14.14 10.12 25.78
C ASN A 124 14.01 8.65 25.34
N PRO A 125 15.07 7.84 25.57
CA PRO A 125 15.07 6.43 25.15
C PRO A 125 14.16 5.54 26.01
N LYS A 126 14.34 5.60 27.33
CA LYS A 126 13.65 4.70 28.27
C LYS A 126 12.55 5.36 29.11
N GLU A 127 12.08 6.53 28.66
CA GLU A 127 11.00 7.24 29.35
C GLU A 127 9.62 6.86 28.80
N CYS A 128 9.56 5.75 28.06
CA CYS A 128 8.33 5.27 27.44
C CYS A 128 7.60 4.24 28.29
N ASN A 129 6.43 3.81 27.83
CA ASN A 129 5.60 2.85 28.55
C ASN A 129 5.53 1.47 27.89
N LEU A 130 6.69 0.80 27.86
CA LEU A 130 6.77 -0.57 27.41
C LEU A 130 7.30 -1.43 28.54
N ILE A 131 6.55 -2.49 28.88
CA ILE A 131 7.03 -3.49 29.83
C ILE A 131 7.15 -4.81 29.08
N GLU A 132 8.30 -5.46 29.25
CA GLU A 132 8.56 -6.69 28.53
C GLU A 132 8.71 -7.90 29.44
N GLY A 133 7.96 -8.94 29.12
CA GLY A 133 8.14 -10.25 29.72
C GLY A 133 8.79 -11.17 28.70
N GLU A 134 9.16 -12.36 29.14
CA GLU A 134 9.80 -13.32 28.25
C GLU A 134 8.80 -13.85 27.18
N ASP A 135 7.50 -13.85 27.48
CA ASP A 135 6.45 -14.28 26.53
C ASP A 135 5.35 -13.26 26.21
N HIS A 136 5.57 -11.99 26.55
CA HIS A 136 4.60 -10.93 26.24
C HIS A 136 5.23 -9.56 26.35
N VAL A 137 4.58 -8.57 25.72
CA VAL A 137 4.86 -7.17 26.02
C VAL A 137 3.60 -6.48 26.51
N GLU A 138 3.79 -5.38 27.24
N GLU A 138 3.80 -5.35 27.18
CA GLU A 138 2.69 -4.53 27.66
CA GLU A 138 2.73 -4.52 27.68
C GLU A 138 2.99 -3.13 27.16
C GLU A 138 2.99 -3.12 27.17
N VAL A 139 2.10 -2.61 26.32
CA VAL A 139 2.30 -1.33 25.66
C VAL A 139 1.19 -0.41 26.12
N ASN A 140 1.57 0.68 26.80
CA ASN A 140 0.58 1.57 27.44
C ASN A 140 -0.43 0.77 28.25
N GLY A 141 0.03 -0.31 28.89
CA GLY A 141 -0.85 -1.15 29.71
C GLY A 141 -1.57 -2.30 29.00
N GLU A 142 -1.54 -2.28 27.66
N GLU A 142 -1.54 -2.28 27.66
CA GLU A 142 -2.20 -3.34 26.90
CA GLU A 142 -2.18 -3.32 26.84
C GLU A 142 -1.27 -4.52 26.66
C GLU A 142 -1.25 -4.52 26.68
N VAL A 143 -1.77 -5.71 26.97
CA VAL A 143 -0.97 -6.95 26.92
C VAL A 143 -1.05 -7.62 25.54
N PHE A 144 0.12 -7.99 25.03
CA PHE A 144 0.21 -8.78 23.81
C PHE A 144 1.05 -10.01 24.11
N GLN A 145 0.38 -11.16 24.14
CA GLN A 145 1.05 -12.44 24.27
C GLN A 145 1.70 -12.80 22.93
N LYS A 146 2.86 -13.42 23.00
CA LYS A 146 3.51 -13.95 21.80
C LYS A 146 2.69 -15.15 21.31
N PRO A 147 2.54 -15.30 19.98
CA PRO A 147 3.16 -14.45 18.95
C PRO A 147 2.52 -13.06 18.79
N PHE A 148 3.36 -12.04 18.64
CA PHE A 148 2.92 -10.70 18.26
C PHE A 148 3.84 -10.12 17.19
N VAL A 149 3.38 -9.03 16.57
CA VAL A 149 4.05 -8.39 15.45
C VAL A 149 4.46 -6.97 15.84
N GLU A 150 5.65 -6.58 15.39
CA GLU A 150 6.22 -5.30 15.69
C GLU A 150 6.57 -4.59 14.37
N LYS A 151 5.87 -3.48 14.09
CA LYS A 151 6.06 -2.74 12.85
C LYS A 151 6.60 -1.34 13.10
N PRO A 152 7.64 -0.94 12.37
CA PRO A 152 8.08 0.46 12.42
C PRO A 152 6.91 1.37 12.02
N VAL A 153 6.77 2.51 12.68
CA VAL A 153 5.68 3.45 12.35
C VAL A 153 5.77 3.99 10.91
N SER A 154 6.99 4.09 10.39
CA SER A 154 7.18 4.46 8.99
C SER A 154 6.73 3.31 8.07
N ALA A 155 5.71 3.57 7.26
CA ALA A 155 5.20 2.56 6.33
C ALA A 155 6.20 2.18 5.25
N GLU A 156 7.22 3.03 5.04
CA GLU A 156 8.30 2.75 4.08
C GLU A 156 9.38 1.85 4.67
N ASP A 157 9.30 1.62 5.98
CA ASP A 157 10.26 0.75 6.66
C ASP A 157 9.65 -0.65 6.77
N HIS A 158 10.17 -1.59 5.99
CA HIS A 158 9.62 -2.94 5.90
C HIS A 158 10.28 -3.93 6.88
N ASN A 159 11.05 -3.41 7.84
CA ASN A 159 11.64 -4.26 8.88
C ASN A 159 10.64 -4.62 9.97
N VAL A 160 9.69 -5.46 9.59
CA VAL A 160 8.63 -5.94 10.46
C VAL A 160 9.12 -7.21 11.15
N TYR A 161 9.01 -7.27 12.48
CA TYR A 161 9.47 -8.43 13.24
C TYR A 161 8.28 -9.15 13.84
N ILE A 162 8.40 -10.48 13.85
CA ILE A 162 7.45 -11.34 14.55
C ILE A 162 8.16 -12.06 15.71
N TYR A 163 7.53 -12.09 16.88
CA TYR A 163 8.15 -12.68 18.08
C TYR A 163 7.46 -13.98 18.49
N TYR A 164 8.21 -15.08 18.51
CA TYR A 164 7.67 -16.41 18.80
C TYR A 164 7.58 -16.68 20.30
N PRO A 165 6.51 -17.37 20.74
CA PRO A 165 6.40 -17.73 22.16
C PRO A 165 7.44 -18.78 22.55
N THR A 166 7.75 -18.85 23.84
CA THR A 166 8.65 -19.88 24.38
C THR A 166 8.24 -21.29 23.92
N SER A 167 6.93 -21.55 23.87
CA SER A 167 6.41 -22.86 23.46
C SER A 167 6.83 -23.26 22.04
N ALA A 168 7.13 -22.27 21.21
CA ALA A 168 7.55 -22.52 19.83
C ALA A 168 9.07 -22.39 19.65
N GLY A 169 9.80 -22.19 20.74
CA GLY A 169 11.24 -22.05 20.68
C GLY A 169 11.77 -20.62 20.81
N GLY A 170 10.87 -19.65 20.96
CA GLY A 170 11.28 -18.27 21.15
C GLY A 170 11.97 -17.71 19.93
N GLY A 171 12.74 -16.65 20.13
CA GLY A 171 13.40 -15.96 19.02
C GLY A 171 12.42 -15.12 18.23
N SER A 172 12.81 -14.75 17.02
CA SER A 172 11.99 -13.84 16.22
C SER A 172 12.17 -14.11 14.73
N GLN A 173 11.21 -13.65 13.94
CA GLN A 173 11.35 -13.64 12.49
C GLN A 173 11.50 -12.19 12.04
N ARG A 174 12.57 -11.89 11.31
CA ARG A 174 12.83 -10.54 10.85
C ARG A 174 12.54 -10.44 9.35
N LEU A 175 11.50 -9.70 9.01
CA LEU A 175 11.13 -9.52 7.62
C LEU A 175 11.86 -8.30 7.05
N PHE A 176 12.03 -8.27 5.73
CA PHE A 176 12.72 -7.15 5.08
C PHE A 176 12.36 -7.12 3.62
N ARG A 177 12.69 -6.03 2.95
CA ARG A 177 12.58 -5.93 1.50
C ARG A 177 13.35 -7.12 0.91
N LYS A 178 12.68 -7.87 0.03
CA LYS A 178 13.28 -9.01 -0.66
C LYS A 178 14.71 -8.72 -1.10
N ILE A 179 15.64 -9.56 -0.67
CA ILE A 179 16.97 -9.55 -1.24
C ILE A 179 17.23 -10.95 -1.77
N GLY A 180 17.19 -11.04 -3.09
CA GLY A 180 17.35 -12.29 -3.82
C GLY A 180 16.28 -13.31 -3.53
N SER A 181 16.69 -14.40 -2.89
CA SER A 181 15.81 -15.55 -2.62
C SER A 181 15.05 -15.47 -1.30
N ARG A 182 15.27 -14.40 -0.52
CA ARG A 182 14.74 -14.35 0.86
C ARG A 182 13.96 -13.09 1.19
N SER A 183 12.95 -13.25 2.04
CA SER A 183 12.06 -12.16 2.46
C SER A 183 12.05 -12.02 3.99
N SER A 184 12.60 -13.01 4.68
CA SER A 184 12.76 -12.93 6.13
C SER A 184 13.85 -13.89 6.60
N VAL A 185 14.28 -13.71 7.84
CA VAL A 185 15.24 -14.61 8.46
C VAL A 185 14.92 -14.78 9.96
N TYR A 186 15.18 -15.98 10.48
CA TYR A 186 15.05 -16.23 11.90
C TYR A 186 16.19 -15.58 12.68
N SER A 187 15.87 -15.05 13.86
CA SER A 187 16.86 -14.54 14.78
C SER A 187 16.62 -15.20 16.13
N PRO A 188 17.70 -15.58 16.84
CA PRO A 188 17.53 -16.11 18.19
C PRO A 188 17.08 -15.03 19.19
N GLU A 189 17.14 -13.77 18.79
CA GLU A 189 16.75 -12.65 19.68
C GLU A 189 15.27 -12.71 20.03
N SER A 190 14.97 -12.69 21.33
CA SER A 190 13.59 -12.77 21.82
C SER A 190 13.07 -11.44 22.35
N ASN A 191 13.97 -10.50 22.64
CA ASN A 191 13.56 -9.19 23.15
C ASN A 191 13.27 -8.20 22.04
N VAL A 192 12.28 -7.34 22.26
CA VAL A 192 11.86 -6.37 21.25
C VAL A 192 12.93 -5.29 21.03
N ARG A 193 12.79 -4.58 19.92
CA ARG A 193 13.72 -3.50 19.59
C ARG A 193 13.61 -2.39 20.62
N LYS A 194 14.75 -1.79 20.97
CA LYS A 194 14.73 -0.83 22.08
C LYS A 194 14.81 0.64 21.69
N THR A 195 15.10 0.94 20.42
CA THR A 195 15.03 2.31 19.92
C THR A 195 14.06 2.39 18.75
N GLY A 196 13.44 3.55 18.57
CA GLY A 196 12.46 3.77 17.51
C GLY A 196 11.03 3.63 18.01
N SER A 197 10.09 4.02 17.16
CA SER A 197 8.66 3.93 17.46
C SER A 197 8.02 2.78 16.68
N TYR A 198 7.14 2.03 17.35
CA TYR A 198 6.54 0.84 16.75
C TYR A 198 5.06 0.69 17.04
N ILE A 199 4.38 0.00 16.14
CA ILE A 199 3.07 -0.56 16.42
C ILE A 199 3.27 -2.02 16.83
N TYR A 200 2.67 -2.41 17.95
CA TYR A 200 2.60 -3.81 18.36
C TYR A 200 1.21 -4.31 18.07
N GLU A 201 1.12 -5.52 17.53
CA GLU A 201 -0.19 -6.07 17.20
C GLU A 201 -0.27 -7.58 17.35
N GLU A 202 -1.48 -8.08 17.54
N GLU A 202 -1.49 -8.08 17.53
CA GLU A 202 -1.72 -9.52 17.67
CA GLU A 202 -1.77 -9.50 17.59
C GLU A 202 -1.47 -10.24 16.34
C GLU A 202 -1.36 -10.18 16.29
N PHE A 203 -0.78 -11.37 16.41
CA PHE A 203 -0.48 -12.21 15.25
C PHE A 203 -1.75 -12.92 14.83
N MET A 204 -2.13 -12.74 13.56
CA MET A 204 -3.31 -13.39 13.02
C MET A 204 -2.88 -14.65 12.28
N PRO A 205 -3.38 -15.83 12.73
CA PRO A 205 -2.97 -17.08 12.12
C PRO A 205 -3.70 -17.32 10.79
N THR A 206 -2.95 -17.30 9.69
CA THR A 206 -3.51 -17.55 8.36
C THR A 206 -3.09 -18.96 7.98
N ASP A 207 -3.47 -19.40 6.78
CA ASP A 207 -3.03 -20.69 6.27
C ASP A 207 -1.59 -20.64 5.74
N GLY A 208 -0.89 -19.53 6.00
CA GLY A 208 0.50 -19.37 5.58
C GLY A 208 0.67 -18.48 4.35
N THR A 209 -0.43 -17.88 3.91
CA THR A 209 -0.42 -16.94 2.79
C THR A 209 -1.02 -15.59 3.18
N ASP A 210 -0.60 -14.55 2.46
CA ASP A 210 -1.21 -13.22 2.52
C ASP A 210 -2.08 -13.07 1.29
N VAL A 211 -3.20 -12.36 1.43
CA VAL A 211 -4.00 -11.98 0.27
C VAL A 211 -3.66 -10.52 -0.07
N LYS A 212 -3.23 -10.30 -1.32
CA LYS A 212 -2.93 -8.96 -1.83
C LYS A 212 -4.11 -8.49 -2.66
N VAL A 213 -4.59 -7.30 -2.35
CA VAL A 213 -5.75 -6.71 -3.04
C VAL A 213 -5.36 -5.45 -3.78
N TYR A 214 -5.88 -5.28 -4.98
CA TYR A 214 -5.55 -4.14 -5.83
C TYR A 214 -6.84 -3.57 -6.38
N THR A 215 -7.21 -2.38 -5.91
CA THR A 215 -8.45 -1.76 -6.39
C THR A 215 -8.22 -0.89 -7.61
N VAL A 216 -9.24 -0.80 -8.46
CA VAL A 216 -9.31 0.22 -9.48
C VAL A 216 -10.70 0.82 -9.35
N GLY A 217 -10.80 1.83 -8.50
CA GLY A 217 -12.10 2.35 -8.09
C GLY A 217 -12.72 1.43 -7.06
N PRO A 218 -13.83 1.86 -6.43
CA PRO A 218 -14.34 1.09 -5.29
C PRO A 218 -15.07 -0.21 -5.66
N ASP A 219 -15.38 -0.41 -6.94
CA ASP A 219 -16.16 -1.57 -7.41
C ASP A 219 -15.36 -2.61 -8.18
N TYR A 220 -14.04 -2.46 -8.21
CA TYR A 220 -13.18 -3.44 -8.87
C TYR A 220 -11.96 -3.69 -8.00
N ALA A 221 -11.70 -4.96 -7.74
CA ALA A 221 -10.57 -5.36 -6.92
C ALA A 221 -10.05 -6.69 -7.43
N HIS A 222 -8.79 -6.71 -7.83
CA HIS A 222 -8.11 -7.97 -8.10
C HIS A 222 -7.41 -8.42 -6.82
N ALA A 223 -7.55 -9.70 -6.50
CA ALA A 223 -6.84 -10.30 -5.37
C ALA A 223 -6.04 -11.51 -5.83
N GLU A 224 -4.94 -11.76 -5.11
CA GLU A 224 -4.08 -12.93 -5.32
C GLU A 224 -3.39 -13.23 -3.98
N ALA A 225 -2.82 -14.41 -3.83
CA ALA A 225 -2.17 -14.78 -2.57
C ALA A 225 -0.73 -15.13 -2.81
N ARG A 226 0.12 -14.88 -1.81
CA ARG A 226 1.52 -15.28 -1.85
C ARG A 226 1.87 -15.84 -0.49
N LYS A 227 2.89 -16.70 -0.46
CA LYS A 227 3.44 -17.24 0.78
C LYS A 227 3.80 -16.09 1.72
N SER A 228 3.38 -16.18 2.98
CA SER A 228 3.74 -15.16 3.96
C SER A 228 5.25 -15.15 4.19
N PRO A 229 5.89 -13.96 4.09
CA PRO A 229 7.34 -13.85 4.34
C PRO A 229 7.71 -14.38 5.72
N ALA A 230 6.74 -14.33 6.65
CA ALA A 230 6.92 -14.72 8.04
C ALA A 230 7.05 -16.24 8.28
N LEU A 231 6.76 -17.06 7.27
CA LEU A 231 6.84 -18.52 7.45
C LEU A 231 8.28 -18.98 7.67
N ASP A 232 9.07 -19.06 6.60
CA ASP A 232 10.48 -19.39 6.73
C ASP A 232 11.38 -18.37 6.02
N GLY A 233 10.80 -17.58 5.13
CA GLY A 233 11.53 -16.51 4.47
C GLY A 233 12.10 -16.83 3.11
N LYS A 234 11.97 -18.07 2.67
CA LYS A 234 12.42 -18.43 1.32
C LYS A 234 11.34 -18.09 0.30
N VAL A 235 11.68 -17.22 -0.64
CA VAL A 235 10.72 -16.80 -1.68
C VAL A 235 10.48 -17.94 -2.66
N GLU A 236 9.21 -18.24 -2.93
CA GLU A 236 8.84 -19.23 -3.95
C GLU A 236 8.90 -18.59 -5.32
N ARG A 237 9.68 -19.17 -6.23
CA ARG A 237 9.80 -18.63 -7.58
C ARG A 237 9.44 -19.68 -8.64
N ASP A 238 8.80 -19.23 -9.72
CA ASP A 238 8.42 -20.11 -10.82
C ASP A 238 9.59 -20.30 -11.79
N SER A 239 9.35 -21.09 -12.85
CA SER A 239 10.36 -21.38 -13.87
C SER A 239 10.96 -20.12 -14.49
N GLU A 240 10.12 -19.12 -14.74
CA GLU A 240 10.57 -17.86 -15.32
C GLU A 240 11.25 -16.93 -14.30
N GLY A 241 11.23 -17.32 -13.03
CA GLY A 241 11.91 -16.57 -11.97
C GLY A 241 11.03 -15.59 -11.20
N LYS A 242 9.74 -15.57 -11.52
CA LYS A 242 8.78 -14.70 -10.84
C LYS A 242 8.24 -15.37 -9.58
N GLU A 243 7.88 -14.56 -8.58
CA GLU A 243 7.33 -15.09 -7.33
C GLU A 243 6.00 -15.82 -7.58
N VAL A 244 5.85 -17.00 -6.99
CA VAL A 244 4.63 -17.80 -7.14
C VAL A 244 3.44 -17.07 -6.50
N ARG A 245 2.34 -16.98 -7.24
CA ARG A 245 1.11 -16.45 -6.69
C ARG A 245 -0.04 -17.43 -6.83
N TYR A 246 -1.01 -17.32 -5.92
CA TYR A 246 -2.11 -18.25 -5.85
C TYR A 246 -3.39 -17.49 -6.14
N PRO A 247 -4.34 -18.14 -6.85
CA PRO A 247 -5.61 -17.51 -7.18
C PRO A 247 -6.46 -17.22 -5.94
N VAL A 248 -7.10 -16.06 -5.95
CA VAL A 248 -8.02 -15.66 -4.89
C VAL A 248 -9.26 -15.05 -5.54
N ILE A 249 -10.43 -15.39 -4.99
CA ILE A 249 -11.66 -14.64 -5.28
C ILE A 249 -12.15 -14.09 -3.95
N LEU A 250 -12.38 -12.79 -3.90
CA LEU A 250 -12.87 -12.15 -2.69
C LEU A 250 -14.32 -12.54 -2.43
N ASN A 251 -14.66 -12.76 -1.17
CA ASN A 251 -16.05 -13.00 -0.79
C ASN A 251 -16.73 -11.65 -0.62
N ALA A 252 -18.03 -11.65 -0.31
CA ALA A 252 -18.80 -10.41 -0.23
C ALA A 252 -18.26 -9.43 0.81
N ARG A 253 -17.86 -9.95 1.97
CA ARG A 253 -17.27 -9.12 3.03
C ARG A 253 -16.01 -8.43 2.53
N GLU A 254 -15.19 -9.19 1.81
CA GLU A 254 -13.90 -8.67 1.35
C GLU A 254 -14.06 -7.63 0.24
N LYS A 255 -15.07 -7.83 -0.63
CA LYS A 255 -15.36 -6.84 -1.66
C LYS A 255 -15.79 -5.52 -1.03
N LEU A 256 -16.58 -5.60 0.04
CA LEU A 256 -16.92 -4.42 0.82
C LEU A 256 -15.68 -3.77 1.46
N ILE A 257 -14.78 -4.59 2.01
CA ILE A 257 -13.52 -4.07 2.57
C ILE A 257 -12.81 -3.23 1.50
N ALA A 258 -12.68 -3.77 0.29
CA ALA A 258 -11.97 -3.08 -0.80
C ALA A 258 -12.65 -1.75 -1.14
N TRP A 259 -13.98 -1.77 -1.19
CA TRP A 259 -14.78 -0.55 -1.41
C TRP A 259 -14.47 0.51 -0.35
N LYS A 260 -14.48 0.10 0.92
CA LYS A 260 -14.20 0.99 2.04
C LYS A 260 -12.77 1.55 1.99
N VAL A 261 -11.80 0.69 1.71
CA VAL A 261 -10.38 1.11 1.72
C VAL A 261 -10.14 2.15 0.61
N CYS A 262 -10.59 1.83 -0.60
CA CYS A 262 -10.50 2.73 -1.74
C CYS A 262 -11.07 4.13 -1.44
N LEU A 263 -12.29 4.17 -0.91
CA LEU A 263 -12.94 5.44 -0.62
C LEU A 263 -12.37 6.14 0.60
N ALA A 264 -12.09 5.40 1.66
CA ALA A 264 -11.60 6.01 2.89
C ALA A 264 -10.24 6.69 2.67
N PHE A 265 -9.38 6.06 1.88
CA PHE A 265 -8.06 6.63 1.58
C PHE A 265 -8.06 7.53 0.34
N LYS A 266 -9.19 7.59 -0.36
CA LYS A 266 -9.35 8.40 -1.57
C LYS A 266 -8.28 8.05 -2.61
N GLN A 267 -7.96 6.77 -2.68
CA GLN A 267 -7.00 6.23 -3.64
C GLN A 267 -7.76 5.32 -4.60
N THR A 268 -8.11 5.83 -5.78
CA THR A 268 -8.78 5.03 -6.83
C THR A 268 -8.01 3.73 -7.08
N VAL A 269 -6.71 3.87 -7.34
CA VAL A 269 -5.82 2.71 -7.51
C VAL A 269 -5.18 2.49 -6.14
N CYS A 270 -5.49 1.36 -5.50
CA CYS A 270 -5.04 1.14 -4.12
C CYS A 270 -4.73 -0.31 -3.84
N GLY A 271 -3.52 -0.54 -3.33
CA GLY A 271 -3.10 -1.85 -2.90
C GLY A 271 -3.18 -1.97 -1.39
N PHE A 272 -3.64 -3.11 -0.91
CA PHE A 272 -3.62 -3.40 0.52
C PHE A 272 -3.55 -4.90 0.78
N ASP A 273 -3.23 -5.27 2.02
CA ASP A 273 -3.08 -6.67 2.40
C ASP A 273 -4.21 -7.11 3.30
N LEU A 274 -4.69 -8.33 3.07
CA LEU A 274 -5.68 -8.97 3.92
C LEU A 274 -5.11 -10.23 4.53
N LEU A 275 -5.43 -10.45 5.80
CA LEU A 275 -5.09 -11.69 6.48
C LEU A 275 -6.38 -12.44 6.71
N ARG A 276 -6.52 -13.58 6.05
CA ARG A 276 -7.66 -14.45 6.25
C ARG A 276 -7.39 -15.33 7.47
N ALA A 277 -8.06 -15.03 8.57
CA ALA A 277 -7.80 -15.66 9.84
C ALA A 277 -9.07 -15.73 10.66
N ASN A 278 -9.26 -16.86 11.33
CA ASN A 278 -10.36 -17.04 12.29
C ASN A 278 -11.74 -16.74 11.69
N GLY A 279 -11.92 -17.11 10.42
CA GLY A 279 -13.19 -16.93 9.72
C GLY A 279 -13.51 -15.50 9.31
N GLN A 280 -12.54 -14.61 9.44
CA GLN A 280 -12.71 -13.21 9.03
C GLN A 280 -11.49 -12.76 8.21
N SER A 281 -11.52 -11.52 7.72
CA SER A 281 -10.41 -10.97 6.96
C SER A 281 -9.99 -9.62 7.53
N TYR A 282 -8.71 -9.52 7.87
CA TYR A 282 -8.18 -8.35 8.56
C TYR A 282 -7.21 -7.60 7.66
N VAL A 283 -7.38 -6.28 7.55
CA VAL A 283 -6.43 -5.43 6.81
C VAL A 283 -5.24 -5.14 7.72
N CYS A 284 -4.03 -5.38 7.21
CA CYS A 284 -2.83 -5.17 8.02
C CYS A 284 -1.87 -4.14 7.43
N ASP A 285 -2.22 -3.60 6.25
CA ASP A 285 -1.30 -2.74 5.48
C ASP A 285 -2.11 -2.12 4.35
N VAL A 286 -2.02 -0.80 4.20
CA VAL A 286 -2.62 -0.09 3.05
C VAL A 286 -1.50 0.70 2.38
N ASN A 287 -1.15 0.32 1.16
CA ASN A 287 0.02 0.88 0.49
C ASN A 287 -0.28 2.04 -0.45
N GLY A 288 -1.54 2.18 -0.85
CA GLY A 288 -1.90 3.17 -1.85
C GLY A 288 -1.56 2.67 -3.25
N PHE A 289 -1.21 3.59 -4.15
CA PHE A 289 -1.06 3.27 -5.58
C PHE A 289 -0.17 2.04 -5.85
N SER A 290 -0.74 1.06 -6.52
CA SER A 290 -0.04 -0.17 -6.87
C SER A 290 -0.79 -0.87 -7.98
N PHE A 291 -0.04 -1.37 -8.97
CA PHE A 291 -0.61 -2.12 -10.08
C PHE A 291 -0.28 -3.59 -9.88
N VAL A 292 -1.17 -4.46 -10.36
CA VAL A 292 -0.88 -5.89 -10.46
C VAL A 292 0.20 -6.08 -11.52
N LYS A 293 1.12 -7.02 -11.26
CA LYS A 293 2.19 -7.33 -12.19
C LYS A 293 1.87 -8.63 -12.93
N ASN A 294 2.24 -8.67 -14.20
CA ASN A 294 2.15 -9.90 -15.02
C ASN A 294 0.73 -10.45 -15.21
N SER A 295 -0.26 -9.58 -15.23
CA SER A 295 -1.62 -9.97 -15.59
C SER A 295 -2.14 -9.09 -16.71
N MET A 296 -2.21 -9.67 -17.91
N MET A 296 -2.27 -9.64 -17.90
CA MET A 296 -2.74 -9.00 -19.10
CA MET A 296 -2.72 -8.82 -19.01
C MET A 296 -4.17 -8.52 -18.87
C MET A 296 -4.23 -8.52 -18.95
N LYS A 297 -4.98 -9.38 -18.25
CA LYS A 297 -6.38 -9.10 -17.97
C LYS A 297 -6.53 -7.91 -17.01
N TYR A 298 -5.64 -7.83 -16.01
CA TYR A 298 -5.62 -6.65 -15.12
C TYR A 298 -5.29 -5.38 -15.92
N TYR A 299 -4.27 -5.45 -16.76
CA TYR A 299 -3.94 -4.30 -17.63
C TYR A 299 -5.17 -3.84 -18.43
N ASP A 300 -5.85 -4.79 -19.06
CA ASP A 300 -7.07 -4.50 -19.83
C ASP A 300 -8.13 -3.82 -18.97
N ASP A 301 -8.46 -4.47 -17.85
CA ASP A 301 -9.49 -3.99 -16.93
C ASP A 301 -9.15 -2.63 -16.34
N CYS A 302 -7.91 -2.50 -15.84
CA CYS A 302 -7.50 -1.26 -15.18
C CYS A 302 -7.55 -0.06 -16.14
N ALA A 303 -7.02 -0.23 -17.35
CA ALA A 303 -7.02 0.84 -18.33
C ALA A 303 -8.47 1.22 -18.72
N LYS A 304 -9.31 0.22 -18.93
CA LYS A 304 -10.70 0.45 -19.26
C LYS A 304 -11.43 1.24 -18.17
N ILE A 305 -11.27 0.80 -16.92
CA ILE A 305 -11.91 1.50 -15.79
C ILE A 305 -11.39 2.93 -15.64
N LEU A 306 -10.08 3.12 -15.69
CA LEU A 306 -9.52 4.46 -15.53
C LEU A 306 -9.98 5.39 -16.63
N GLY A 307 -9.93 4.90 -17.87
CA GLY A 307 -10.41 5.66 -19.03
C GLY A 307 -11.87 6.04 -18.87
N ASN A 308 -12.69 5.08 -18.47
CA ASN A 308 -14.11 5.33 -18.21
C ASN A 308 -14.37 6.37 -17.11
N ILE A 309 -13.59 6.30 -16.03
CA ILE A 309 -13.68 7.29 -14.95
C ILE A 309 -13.38 8.70 -15.48
N VAL A 310 -12.28 8.82 -16.23
CA VAL A 310 -11.89 10.08 -16.88
C VAL A 310 -13.01 10.64 -17.79
N MET A 311 -13.53 9.81 -18.67
CA MET A 311 -14.61 10.21 -19.59
C MET A 311 -15.87 10.59 -18.83
N ARG A 312 -16.25 9.78 -17.84
CA ARG A 312 -17.47 10.07 -17.06
C ARG A 312 -17.35 11.45 -16.42
N GLU A 313 -16.19 11.71 -15.82
CA GLU A 313 -15.96 12.96 -15.09
C GLU A 313 -15.88 14.19 -15.99
N LEU A 314 -15.17 14.07 -17.10
CA LEU A 314 -14.73 15.23 -17.87
C LEU A 314 -15.42 15.43 -19.23
N ALA A 315 -16.02 14.38 -19.78
CA ALA A 315 -16.67 14.49 -21.09
C ALA A 315 -17.73 15.61 -21.18
N PRO A 316 -18.56 15.80 -20.14
CA PRO A 316 -19.52 16.90 -20.20
C PRO A 316 -18.87 18.25 -20.50
N GLN A 317 -17.86 18.64 -19.71
CA GLN A 317 -17.23 19.95 -19.88
C GLN A 317 -16.46 20.09 -21.21
N PHE A 318 -16.04 18.96 -21.78
CA PHE A 318 -15.40 18.95 -23.10
C PHE A 318 -16.42 18.80 -24.24
N HIS A 319 -17.70 18.74 -23.88
CA HIS A 319 -18.82 18.51 -24.83
C HIS A 319 -18.65 17.24 -25.67
N ILE A 320 -18.07 16.21 -25.07
CA ILE A 320 -17.88 14.92 -25.75
C ILE A 320 -19.03 13.97 -25.37
N PRO A 321 -19.68 13.36 -26.37
CA PRO A 321 -20.76 12.41 -26.05
C PRO A 321 -20.23 11.23 -25.25
N TRP A 322 -20.91 10.88 -24.17
CA TRP A 322 -20.53 9.74 -23.34
C TRP A 322 -21.73 9.18 -22.60
N SER A 323 -21.97 7.88 -22.80
CA SER A 323 -23.12 7.20 -22.18
C SER A 323 -22.67 5.95 -21.43
PB ADP B . 4.75 -3.94 4.77
O1B ADP B . 4.17 -2.54 4.74
O2B ADP B . 6.23 -3.95 5.03
O3B ADP B . 4.27 -4.81 3.65
PA ADP B . 2.86 -5.47 6.45
O1A ADP B . 2.03 -4.85 7.55
O2A ADP B . 2.18 -5.90 5.17
O3A ADP B . 4.15 -4.54 6.17
O5' ADP B . 3.57 -6.77 7.10
C5' ADP B . 4.43 -7.59 6.31
C4' ADP B . 3.99 -9.04 6.37
O4' ADP B . 4.01 -9.51 7.73
C3' ADP B . 2.56 -9.28 5.91
O3' ADP B . 2.48 -9.48 4.50
C2' ADP B . 2.14 -10.51 6.68
O2' ADP B . 2.64 -11.70 6.05
C1' ADP B . 2.89 -10.36 7.98
N9 ADP B . 2.01 -9.72 9.00
C8 ADP B . 1.87 -8.39 9.20
N7 ADP B . 1.02 -8.14 10.21
C5 ADP B . 0.59 -9.34 10.67
C6 ADP B . -0.33 -9.80 11.75
N6 ADP B . -0.97 -8.90 12.54
N1 ADP B . -0.50 -11.14 11.90
C2 ADP B . 0.13 -12.03 11.13
N3 ADP B . 0.99 -11.68 10.15
C4 ADP B . 1.24 -10.38 9.87
C1 4WZ C . 6.36 -3.65 -3.32
C2 4WZ C . 6.46 -2.29 -4.01
C3 4WZ C . 7.98 -1.99 -4.09
C4 4WZ C . 8.69 -3.00 -5.02
C5 4WZ C . 8.38 -4.45 -4.61
C6 4WZ C . 6.92 -4.73 -4.24
O55 4WZ C . 10.14 -8.51 -7.73
PB5 4WZ C . 11.46 -7.89 -7.55
O65 4WZ C . 12.28 -8.31 -6.40
O75 4WZ C . 12.13 -7.35 -8.76
CB5 4WZ C . 10.93 -6.29 -6.84
PA5 4WZ C . 9.78 -6.55 -5.44
O25 4WZ C . 10.49 -6.34 -4.16
O35 4WZ C . 9.02 -7.80 -5.65
O15 4WZ C . 8.76 -5.31 -5.69
O16 4WZ C . 6.88 -5.99 -3.55
PA6 4WZ C . 5.76 -7.12 -3.73
O46 4WZ C . 5.34 -7.35 -2.32
O36 4WZ C . 4.74 -6.58 -4.63
O26 4WZ C . 6.56 -8.23 -4.31
O14 4WZ C . 10.12 -2.79 -4.91
PA4 4WZ C . 11.02 -2.15 -6.08
O24 4WZ C . 11.05 -0.72 -5.79
O44 4WZ C . 12.31 -2.86 -5.94
O34 4WZ C . 10.28 -2.52 -7.32
O13 4WZ C . 8.24 -0.63 -4.52
PA3 4WZ C . 8.81 0.42 -3.44
O43 4WZ C . 8.62 1.73 -4.08
O33 4WZ C . 7.98 0.17 -2.24
O23 4WZ C . 10.22 -0.02 -3.32
O12 4WZ C . 5.89 -2.33 -5.35
PA2 4WZ C . 4.67 -1.42 -5.86
O42 4WZ C . 5.04 -0.05 -5.42
O22 4WZ C . 4.64 -1.66 -7.31
O32 4WZ C . 3.49 -1.99 -5.14
O11 4WZ C . 5.02 -3.95 -2.93
PA1 4WZ C . 4.63 -3.99 -1.37
O21 4WZ C . 5.60 -4.82 -0.64
O31 4WZ C . 4.37 -2.59 -0.93
CB1 4WZ C . 3.03 -4.89 -1.47
PB1 4WZ C . 2.71 -5.89 -0.02
O61 4WZ C . 3.78 -6.89 0.07
O71 4WZ C . 1.37 -6.45 -0.32
O51 4WZ C . 2.73 -4.89 1.08
MG MG D . 3.07 -1.74 3.30
MG MG E . 2.40 -5.46 3.15
MG MG F . -6.11 8.47 -27.35
MG MG G . 5.69 -6.75 -0.04
MG MG H . 4.16 2.48 -2.31
C1 EDO I . 5.18 21.74 -21.31
O1 EDO I . 4.30 20.63 -21.12
C2 EDO I . 5.62 22.26 -19.94
O2 EDO I . 6.27 21.22 -19.21
C ACT J . 19.08 -19.09 1.07
O ACT J . 18.98 -17.90 0.72
OXT ACT J . 18.87 -19.46 2.25
CH3 ACT J . 19.44 -20.12 0.04
C1 EDO K . -0.22 -4.01 -3.28
O1 EDO K . 0.10 -3.01 -2.30
C2 EDO K . -1.27 -4.98 -2.72
O2 EDO K . -0.59 -5.90 -1.87
C1 EDO L . -13.19 -15.67 5.70
O1 EDO L . -13.46 -17.00 6.15
C2 EDO L . -11.73 -15.60 5.30
O2 EDO L . -10.92 -15.85 6.46
C1 EDO M . -9.42 -10.14 -11.99
O1 EDO M . -9.23 -10.39 -10.58
C2 EDO M . -8.09 -10.05 -12.75
O2 EDO M . -7.65 -8.67 -12.80
C ACT N . -11.50 1.71 -26.00
O ACT N . -12.22 2.60 -25.51
OXT ACT N . -10.43 1.35 -25.46
CH3 ACT N . -11.93 1.06 -27.29
C1 EDO O . 8.51 16.51 0.08
O1 EDO O . 8.00 17.15 -1.10
C2 EDO O . 7.53 15.44 0.52
O2 EDO O . 7.78 14.22 -0.20
C ACT P . 2.40 6.81 -0.64
O ACT P . 1.78 6.74 -1.75
OXT ACT P . 3.52 6.28 -0.35
CH3 ACT P . 1.82 7.58 0.47
C ACT Q . -4.97 16.67 -3.41
O ACT Q . -4.53 17.79 -3.73
OXT ACT Q . -5.13 15.76 -4.27
CH3 ACT Q . -5.29 16.46 -1.95
#